data_8QS2
#
_entry.id   8QS2
#
_cell.length_a   62.270
_cell.length_b   148.983
_cell.length_c   76.532
_cell.angle_alpha   90.00
_cell.angle_beta   90.00
_cell.angle_gamma   90.00
#
_symmetry.space_group_name_H-M   'C 2 2 2'
#
loop_
_entity.id
_entity.type
_entity.pdbx_description
1 polymer '14-3-3 protein sigma'
2 polymer 'C-RAF peptide pS259'
3 non-polymer 'CHLORIDE ION'
4 non-polymer 'MAGNESIUM ION'
5 non-polymer 2-chloranyl-~{N}-[[1-(4-chloranyl-3-fluoranyl-phenyl)sulfonylpiperidin-4-yl]methyl]ethanamide
6 water water
#
loop_
_entity_poly.entity_id
_entity_poly.type
_entity_poly.pdbx_seq_one_letter_code
_entity_poly.pdbx_strand_id
1 'polypeptide(L)'
;GAMGSMERASLIQKAKLAEQAERYEDMAAFMKGAVEKGEELSCEERNLLSVAYKNVVGGQRAAWRVLSSIEQKSNEEGSE
EKGPEVREYREKVETELQGVCDTVLGLLDSHLIKEAGDAESRVFYLKMKGDYYRYLAEVATGDDKKRIIDSARSAYQEAM
DISKKEMPPTNPIRLGLALNFSVFHYEIANSPEEAISLAKTTFDEAMADLHTLSEDSYKDSTLIMQLLRDNLTLWT
;
A
2 'polypeptide(L)' QRST(SEP)TPNVH P
#
# COMPACT_ATOMS: atom_id res chain seq x y z
N GLY A 1 -11.59 13.80 17.81
CA GLY A 1 -11.83 12.49 17.21
C GLY A 1 -12.49 11.51 18.16
N ALA A 2 -13.04 10.42 17.62
CA ALA A 2 -13.70 9.41 18.43
C ALA A 2 -12.75 8.73 19.40
N MET A 3 -11.46 8.70 19.08
CA MET A 3 -10.44 8.07 19.90
C MET A 3 -9.70 9.07 20.78
N GLY A 4 -10.14 10.33 20.80
CA GLY A 4 -9.38 11.38 21.45
C GLY A 4 -9.21 11.18 22.94
N SER A 5 -10.18 10.54 23.60
CA SER A 5 -10.13 10.40 25.05
C SER A 5 -9.35 9.18 25.51
N MET A 6 -8.91 8.30 24.59
CA MET A 6 -8.25 7.05 24.95
C MET A 6 -6.73 7.17 24.91
N GLU A 7 -6.08 6.61 25.93
CA GLU A 7 -4.63 6.58 25.98
C GLU A 7 -4.01 5.93 24.75
N ARG A 8 -2.91 6.52 24.26
CA ARG A 8 -2.22 5.95 23.11
C ARG A 8 -1.93 4.47 23.29
N ALA A 9 -1.45 4.07 24.48
CA ALA A 9 -1.07 2.67 24.65
C ALA A 9 -2.30 1.76 24.57
N SER A 10 -3.42 2.21 25.14
CA SER A 10 -4.68 1.48 25.04
C SER A 10 -5.14 1.38 23.59
N LEU A 11 -4.94 2.44 22.80
CA LEU A 11 -5.29 2.35 21.39
C LEU A 11 -4.45 1.30 20.67
N ILE A 12 -3.14 1.22 20.99
CA ILE A 12 -2.31 0.20 20.35
C ILE A 12 -2.76 -1.19 20.77
N GLN A 13 -3.03 -1.37 22.06
CA GLN A 13 -3.46 -2.66 22.57
C GLN A 13 -4.75 -3.11 21.90
N LYS A 14 -5.71 -2.19 21.75
CA LYS A 14 -6.97 -2.55 21.13
C LYS A 14 -6.82 -2.82 19.64
N ALA A 15 -5.91 -2.11 18.97
CA ALA A 15 -5.64 -2.46 17.57
C ALA A 15 -5.18 -3.90 17.46
N LYS A 16 -4.35 -4.34 18.40
CA LYS A 16 -3.86 -5.72 18.36
C LYS A 16 -4.99 -6.71 18.65
N LEU A 17 -5.88 -6.37 19.59
CA LEU A 17 -7.05 -7.22 19.81
C LEU A 17 -7.95 -7.27 18.57
N ALA A 18 -8.11 -6.14 17.91
CA ALA A 18 -8.98 -6.10 16.73
C ALA A 18 -8.39 -6.92 15.59
N GLU A 19 -7.04 -6.91 15.46
CA GLU A 19 -6.42 -7.77 14.46
C GLU A 19 -6.70 -9.24 14.78
N GLN A 20 -6.58 -9.61 16.04
CA GLN A 20 -6.82 -11.00 16.41
C GLN A 20 -8.28 -11.38 16.16
N ALA A 21 -9.20 -10.44 16.33
CA ALA A 21 -10.61 -10.68 16.10
C ALA A 21 -10.99 -10.51 14.64
N GLU A 22 -10.04 -10.12 13.79
CA GLU A 22 -10.30 -9.85 12.38
C GLU A 22 -11.34 -8.74 12.21
N ARG A 23 -11.27 -7.72 13.08
CA ARG A 23 -12.11 -6.53 12.98
C ARG A 23 -11.24 -5.40 12.42
N TYR A 24 -11.07 -5.40 11.10
CA TYR A 24 -10.04 -4.53 10.53
C TYR A 24 -10.48 -3.08 10.45
N GLU A 25 -11.79 -2.81 10.34
CA GLU A 25 -12.21 -1.42 10.42
C GLU A 25 -11.97 -0.85 11.81
N ASP A 26 -12.32 -1.60 12.85
CA ASP A 26 -12.00 -1.20 14.21
C ASP A 26 -10.49 -1.00 14.35
N MET A 27 -9.72 -1.97 13.85
CA MET A 27 -8.27 -1.89 13.95
C MET A 27 -7.75 -0.63 13.29
N ALA A 28 -8.29 -0.28 12.12
CA ALA A 28 -7.85 0.94 11.45
C ALA A 28 -8.23 2.18 12.26
N ALA A 29 -9.43 2.19 12.86
CA ALA A 29 -9.85 3.33 13.67
C ALA A 29 -8.93 3.52 14.87
N PHE A 30 -8.58 2.42 15.55
CA PHE A 30 -7.68 2.50 16.70
C PHE A 30 -6.33 3.05 16.29
N MET A 31 -5.80 2.57 15.17
CA MET A 31 -4.49 3.00 14.68
C MET A 31 -4.52 4.46 14.22
N LYS A 32 -5.65 4.90 13.65
CA LYS A 32 -5.79 6.32 13.33
C LYS A 32 -5.74 7.16 14.59
N GLY A 33 -6.45 6.75 15.63
CA GLY A 33 -6.38 7.46 16.90
C GLY A 33 -4.96 7.48 17.46
N ALA A 34 -4.23 6.39 17.32
CA ALA A 34 -2.86 6.37 17.81
C ALA A 34 -1.99 7.35 17.03
N VAL A 35 -2.14 7.37 15.69
CA VAL A 35 -1.37 8.31 14.89
C VAL A 35 -1.68 9.74 15.31
N GLU A 36 -2.96 10.02 15.61
CA GLU A 36 -3.33 11.39 15.91
C GLU A 36 -2.81 11.87 17.25
N LYS A 37 -2.23 11.00 18.07
CA LYS A 37 -1.54 11.49 19.25
C LYS A 37 -0.28 12.27 18.89
N GLY A 38 0.21 12.17 17.65
CA GLY A 38 1.34 12.97 17.24
C GLY A 38 2.71 12.44 17.60
N GLU A 39 2.83 11.23 18.12
CA GLU A 39 4.16 10.64 18.28
C GLU A 39 4.46 9.75 17.08
N GLU A 40 5.75 9.51 16.84
CA GLU A 40 6.15 8.60 15.77
C GLU A 40 5.70 7.17 16.08
N LEU A 41 5.58 6.37 15.02
CA LEU A 41 5.24 4.97 15.14
C LEU A 41 6.50 4.11 15.07
N SER A 42 6.55 3.10 15.92
CA SER A 42 7.56 2.05 15.80
C SER A 42 7.27 1.17 14.58
N CYS A 43 8.26 0.33 14.24
CA CYS A 43 8.06 -0.65 13.18
C CYS A 43 6.83 -1.52 13.45
N GLU A 44 6.68 -2.01 14.68
CA GLU A 44 5.52 -2.85 14.97
C GLU A 44 4.22 -2.09 14.75
N GLU A 45 4.19 -0.81 15.12
CA GLU A 45 2.97 -0.01 14.99
C GLU A 45 2.69 0.32 13.54
N ARG A 46 3.74 0.62 12.78
CA ARG A 46 3.58 0.85 11.35
C ARG A 46 2.97 -0.37 10.68
N ASN A 47 3.34 -1.57 11.13
CA ASN A 47 2.74 -2.78 10.58
C ASN A 47 1.26 -2.88 10.92
N LEU A 48 0.87 -2.54 12.15
CA LEU A 48 -0.55 -2.55 12.50
C LEU A 48 -1.34 -1.59 11.62
N LEU A 49 -0.83 -0.37 11.46
CA LEU A 49 -1.50 0.61 10.62
C LEU A 49 -1.64 0.09 9.20
N SER A 50 -0.55 -0.44 8.66
CA SER A 50 -0.51 -0.96 7.31
C SER A 50 -1.52 -2.09 7.13
N VAL A 51 -1.48 -3.09 8.02
CA VAL A 51 -2.35 -4.27 7.90
C VAL A 51 -3.82 -3.85 7.95
N ALA A 52 -4.14 -2.94 8.87
CA ALA A 52 -5.52 -2.52 9.10
C ALA A 52 -6.09 -1.89 7.85
N TYR A 53 -5.48 -0.81 7.38
CA TYR A 53 -6.04 -0.10 6.23
C TYR A 53 -5.98 -0.92 4.96
N LYS A 54 -4.92 -1.73 4.78
CA LYS A 54 -4.85 -2.56 3.58
C LYS A 54 -5.97 -3.59 3.54
N ASN A 55 -6.36 -4.12 4.71
CA ASN A 55 -7.49 -5.03 4.79
C ASN A 55 -8.79 -4.29 4.44
N VAL A 56 -9.01 -3.13 5.05
CA VAL A 56 -10.22 -2.37 4.76
C VAL A 56 -10.29 -2.05 3.28
N VAL A 57 -9.22 -1.47 2.73
CA VAL A 57 -9.31 -1.03 1.35
C VAL A 57 -9.30 -2.24 0.40
N GLY A 58 -8.64 -3.33 0.78
CA GLY A 58 -8.62 -4.52 -0.08
C GLY A 58 -10.01 -5.09 -0.30
N GLY A 59 -10.81 -5.14 0.75
CA GLY A 59 -12.18 -5.61 0.60
C GLY A 59 -12.99 -4.69 -0.29
N GLN A 60 -12.76 -3.39 -0.17
CA GLN A 60 -13.44 -2.42 -1.02
C GLN A 60 -13.01 -2.57 -2.47
N ARG A 61 -11.70 -2.71 -2.73
CA ARG A 61 -11.20 -2.90 -4.08
C ARG A 61 -11.80 -4.17 -4.70
N ALA A 62 -11.82 -5.26 -3.94
CA ALA A 62 -12.35 -6.51 -4.49
C ALA A 62 -13.85 -6.39 -4.78
N ALA A 63 -14.60 -5.71 -3.91
CA ALA A 63 -16.02 -5.46 -4.19
C ALA A 63 -16.17 -4.56 -5.42
N TRP A 64 -15.41 -3.47 -5.47
CA TRP A 64 -15.48 -2.59 -6.64
C TRP A 64 -15.24 -3.39 -7.93
N ARG A 65 -14.29 -4.32 -7.89
CA ARG A 65 -13.93 -5.06 -9.09
C ARG A 65 -15.05 -5.99 -9.53
N VAL A 66 -15.72 -6.64 -8.58
CA VAL A 66 -16.89 -7.47 -8.90
C VAL A 66 -17.96 -6.63 -9.59
N LEU A 67 -18.32 -5.50 -8.97
CA LEU A 67 -19.40 -4.68 -9.50
C LEU A 67 -19.02 -4.05 -10.83
N SER A 68 -17.76 -3.62 -10.95
CA SER A 68 -17.33 -3.02 -12.20
C SER A 68 -17.38 -4.04 -13.33
N SER A 69 -17.04 -5.29 -13.04
CA SER A 69 -17.12 -6.32 -14.07
C SER A 69 -18.56 -6.62 -14.47
N ILE A 70 -19.48 -6.66 -13.50
CA ILE A 70 -20.89 -6.81 -13.83
C ILE A 70 -21.35 -5.62 -14.68
N GLU A 71 -20.87 -4.43 -14.32
CA GLU A 71 -21.28 -3.21 -15.03
C GLU A 71 -20.86 -3.26 -16.49
N GLN A 72 -19.64 -3.74 -16.76
CA GLN A 72 -19.16 -3.77 -18.15
C GLN A 72 -19.80 -4.89 -18.94
N LYS A 73 -20.11 -6.02 -18.29
CA LYS A 73 -20.82 -7.08 -18.99
C LYS A 73 -22.24 -6.68 -19.36
N SER A 74 -22.83 -5.72 -18.66
CA SER A 74 -24.16 -5.24 -18.95
C SER A 74 -24.17 -4.10 -19.96
N ASN A 75 -23.02 -3.80 -20.57
CA ASN A 75 -22.91 -2.82 -21.64
C ASN A 75 -22.62 -3.50 -22.98
N GLU A 76 -23.24 -4.65 -23.21
CA GLU A 76 -23.02 -5.43 -24.42
C GLU A 76 -24.34 -6.00 -24.94
N GLY A 83 -30.99 -0.78 -16.64
CA GLY A 83 -31.28 -0.20 -15.34
C GLY A 83 -30.06 0.44 -14.69
N PRO A 84 -30.28 1.41 -13.80
CA PRO A 84 -29.15 2.12 -13.18
C PRO A 84 -28.55 1.46 -11.94
N GLU A 85 -29.10 0.33 -11.49
CA GLU A 85 -28.78 -0.19 -10.16
C GLU A 85 -27.30 -0.59 -10.03
N VAL A 86 -26.75 -1.27 -11.03
CA VAL A 86 -25.35 -1.71 -10.92
C VAL A 86 -24.41 -0.50 -10.85
N ARG A 87 -24.60 0.48 -11.75
CA ARG A 87 -23.76 1.68 -11.73
C ARG A 87 -23.88 2.42 -10.39
N GLU A 88 -25.11 2.60 -9.92
CA GLU A 88 -25.32 3.29 -8.65
C GLU A 88 -24.59 2.59 -7.52
N TYR A 89 -24.74 1.28 -7.43
CA TYR A 89 -24.12 0.56 -6.34
C TYR A 89 -22.60 0.55 -6.49
N ARG A 90 -22.12 0.50 -7.73
CA ARG A 90 -20.67 0.59 -7.95
C ARG A 90 -20.14 1.94 -7.51
N GLU A 91 -20.86 3.02 -7.82
CA GLU A 91 -20.48 4.37 -7.40
C GLU A 91 -20.49 4.50 -5.89
N LYS A 92 -21.40 3.79 -5.24
CA LYS A 92 -21.48 3.83 -3.78
C LYS A 92 -20.25 3.18 -3.15
N VAL A 93 -19.84 2.02 -3.68
CA VAL A 93 -18.63 1.39 -3.16
C VAL A 93 -17.40 2.23 -3.50
N GLU A 94 -17.34 2.77 -4.72
CA GLU A 94 -16.25 3.64 -5.13
C GLU A 94 -16.05 4.80 -4.17
N THR A 95 -17.14 5.52 -3.86
CA THR A 95 -17.07 6.65 -2.95
C THR A 95 -16.54 6.26 -1.58
N GLU A 96 -16.97 5.11 -1.07
CA GLU A 96 -16.45 4.62 0.20
C GLU A 96 -14.94 4.34 0.12
N LEU A 97 -14.51 3.70 -0.96
CA LEU A 97 -13.09 3.40 -1.15
C LEU A 97 -12.28 4.69 -1.19
N GLN A 98 -12.76 5.68 -1.95
CA GLN A 98 -12.05 6.94 -2.05
C GLN A 98 -11.98 7.64 -0.70
N GLY A 99 -13.04 7.50 0.11
CA GLY A 99 -13.01 8.09 1.45
C GLY A 99 -11.97 7.43 2.34
N VAL A 100 -11.81 6.11 2.22
CA VAL A 100 -10.75 5.44 2.98
C VAL A 100 -9.37 5.90 2.49
N CYS A 101 -9.17 5.97 1.17
CA CYS A 101 -7.87 6.41 0.67
C CYS A 101 -7.59 7.86 1.08
N ASP A 102 -8.62 8.71 1.07
CA ASP A 102 -8.43 10.09 1.52
C ASP A 102 -8.06 10.14 3.00
N THR A 103 -8.66 9.27 3.81
CA THR A 103 -8.30 9.22 5.22
C THR A 103 -6.83 8.84 5.39
N VAL A 104 -6.38 7.80 4.69
CA VAL A 104 -4.99 7.36 4.83
C VAL A 104 -4.05 8.45 4.34
N LEU A 105 -4.30 9.00 3.16
CA LEU A 105 -3.42 10.04 2.62
C LEU A 105 -3.39 11.26 3.53
N GLY A 106 -4.51 11.56 4.20
CA GLY A 106 -4.51 12.67 5.13
C GLY A 106 -3.64 12.43 6.34
N LEU A 107 -3.69 11.22 6.90
CA LEU A 107 -2.82 10.86 8.02
C LEU A 107 -1.36 10.95 7.63
N LEU A 108 -1.02 10.42 6.46
CA LEU A 108 0.35 10.50 5.97
C LEU A 108 0.82 11.95 5.89
N ASP A 109 0.02 12.81 5.28
CA ASP A 109 0.46 14.19 5.07
C ASP A 109 0.36 14.99 6.37
N SER A 110 -0.66 14.73 7.17
CA SER A 110 -0.87 15.50 8.39
C SER A 110 0.09 15.10 9.50
N HIS A 111 0.44 13.84 9.58
CA HIS A 111 1.09 13.34 10.78
C HIS A 111 2.36 12.56 10.55
N LEU A 112 2.43 11.76 9.49
CA LEU A 112 3.41 10.67 9.43
C LEU A 112 4.65 10.99 8.60
N ILE A 113 4.47 11.55 7.41
CA ILE A 113 5.62 11.86 6.55
C ILE A 113 6.34 13.07 7.12
N LYS A 114 7.63 12.90 7.39
CA LYS A 114 8.46 14.03 7.83
C LYS A 114 9.83 13.96 7.15
N ALA A 116 13.15 14.14 8.01
CA ALA A 116 13.05 13.82 9.45
C ALA A 116 12.70 12.34 9.73
N GLY A 117 13.50 11.69 10.58
CA GLY A 117 13.19 10.34 11.05
C GLY A 117 14.02 9.27 10.37
N ASP A 118 13.67 8.02 10.73
CA ASP A 118 14.25 6.84 10.10
C ASP A 118 14.21 6.92 8.57
N ALA A 119 15.26 6.43 7.93
CA ALA A 119 15.16 6.15 6.50
C ALA A 119 14.15 5.05 6.24
N GLU A 120 14.15 3.99 7.07
CA GLU A 120 13.10 2.99 7.02
C GLU A 120 11.72 3.64 7.03
N SER A 121 11.47 4.49 8.02
CA SER A 121 10.12 5.02 8.20
C SER A 121 9.74 5.99 7.09
N ARG A 122 10.69 6.84 6.68
CA ARG A 122 10.42 7.76 5.58
C ARG A 122 10.07 7.00 4.31
N VAL A 123 10.83 5.94 4.00
CA VAL A 123 10.52 5.16 2.80
C VAL A 123 9.16 4.48 2.95
N PHE A 124 8.87 3.93 4.13
CA PHE A 124 7.61 3.21 4.27
C PHE A 124 6.40 4.12 4.06
N TYR A 125 6.46 5.34 4.59
CA TYR A 125 5.29 6.23 4.47
C TYR A 125 5.14 6.73 3.04
N LEU A 126 6.26 6.99 2.36
CA LEU A 126 6.17 7.40 0.97
C LEU A 126 5.65 6.26 0.08
N LYS A 127 6.09 5.03 0.36
CA LYS A 127 5.51 3.87 -0.33
C LYS A 127 4.02 3.76 -0.06
N MET A 128 3.61 3.98 1.20
CA MET A 128 2.18 3.94 1.51
C MET A 128 1.43 5.01 0.74
N LYS A 129 1.99 6.23 0.68
CA LYS A 129 1.38 7.28 -0.12
C LYS A 129 1.22 6.86 -1.57
N GLY A 130 2.28 6.30 -2.18
CA GLY A 130 2.16 5.77 -3.53
C GLY A 130 1.04 4.74 -3.67
N ASP A 131 0.95 3.81 -2.71
CA ASP A 131 -0.07 2.75 -2.80
C ASP A 131 -1.49 3.34 -2.80
N TYR A 132 -1.79 4.25 -1.88
CA TYR A 132 -3.16 4.71 -1.76
C TYR A 132 -3.54 5.70 -2.87
N TYR A 133 -2.56 6.41 -3.42
CA TYR A 133 -2.83 7.11 -4.67
C TYR A 133 -3.09 6.12 -5.80
N ARG A 134 -2.34 5.01 -5.83
CA ARG A 134 -2.58 3.98 -6.83
C ARG A 134 -3.98 3.39 -6.72
N TYR A 135 -4.45 3.16 -5.50
CA TYR A 135 -5.82 2.65 -5.33
C TYR A 135 -6.85 3.67 -5.82
N LEU A 136 -6.60 4.97 -5.59
CA LEU A 136 -7.48 6.00 -6.15
C LEU A 136 -7.41 5.99 -7.67
N ALA A 137 -6.22 5.72 -8.22
CA ALA A 137 -6.05 5.71 -9.67
C ALA A 137 -6.78 4.53 -10.31
N GLU A 138 -6.97 3.43 -9.57
CA GLU A 138 -7.67 2.28 -10.13
C GLU A 138 -9.12 2.60 -10.46
N VAL A 139 -9.73 3.58 -9.80
CA VAL A 139 -11.14 3.90 -10.00
C VAL A 139 -11.34 5.31 -10.55
N ALA A 140 -10.27 6.00 -10.93
CA ALA A 140 -10.35 7.39 -11.33
C ALA A 140 -10.56 7.54 -12.83
N THR A 141 -11.05 8.71 -13.23
CA THR A 141 -11.16 9.08 -14.64
C THR A 141 -10.86 10.56 -14.83
N GLY A 142 -10.57 10.93 -16.07
CA GLY A 142 -10.57 12.32 -16.48
C GLY A 142 -9.49 13.17 -15.81
N ASP A 143 -9.80 14.46 -15.69
CA ASP A 143 -8.86 15.44 -15.15
C ASP A 143 -8.28 14.99 -13.81
N ASP A 144 -9.07 14.28 -13.01
CA ASP A 144 -8.55 13.71 -11.79
C ASP A 144 -7.44 12.71 -12.09
N LYS A 145 -7.75 11.69 -12.90
CA LYS A 145 -6.88 10.52 -13.03
C LYS A 145 -5.42 10.87 -13.30
N LYS A 146 -5.17 11.85 -14.17
CA LYS A 146 -3.80 12.25 -14.43
C LYS A 146 -3.15 12.85 -13.18
N ARG A 147 -3.92 13.66 -12.43
CA ARG A 147 -3.41 14.19 -11.16
C ARG A 147 -2.99 13.08 -10.21
N ILE A 148 -3.88 12.09 -9.98
CA ILE A 148 -3.57 11.02 -9.04
C ILE A 148 -2.39 10.17 -9.49
N ILE A 149 -2.26 9.93 -10.80
CA ILE A 149 -1.18 9.07 -11.29
C ILE A 149 0.18 9.72 -11.06
N ASP A 150 0.31 11.01 -11.38
CA ASP A 150 1.57 11.70 -11.12
C ASP A 150 1.86 11.76 -9.63
N SER A 151 0.82 11.92 -8.81
CA SER A 151 1.02 11.92 -7.36
C SER A 151 1.60 10.59 -6.90
N ALA A 152 1.01 9.47 -7.37
CA ALA A 152 1.55 8.15 -7.04
C ALA A 152 3.00 7.99 -7.51
N ARG A 153 3.29 8.35 -8.76
CA ARG A 153 4.66 8.20 -9.26
C ARG A 153 5.64 9.00 -8.41
N SER A 154 5.31 10.27 -8.15
CA SER A 154 6.22 11.13 -7.38
C SER A 154 6.50 10.55 -6.00
N ALA A 155 5.48 10.00 -5.34
CA ALA A 155 5.70 9.40 -4.02
C ALA A 155 6.58 8.17 -4.12
N TYR A 156 6.28 7.28 -5.08
CA TYR A 156 7.09 6.07 -5.26
C TYR A 156 8.53 6.43 -5.63
N GLN A 157 8.70 7.38 -6.54
CA GLN A 157 10.04 7.71 -7.01
C GLN A 157 10.89 8.31 -5.89
N GLU A 158 10.30 9.14 -5.03
CA GLU A 158 11.08 9.64 -3.91
C GLU A 158 11.46 8.51 -2.95
N ALA A 159 10.50 7.61 -2.69
CA ALA A 159 10.80 6.47 -1.82
C ALA A 159 11.91 5.61 -2.42
N MET A 160 11.92 5.45 -3.75
CA MET A 160 12.95 4.64 -4.41
C MET A 160 14.32 5.26 -4.23
N ASP A 161 14.42 6.58 -4.40
CA ASP A 161 15.72 7.24 -4.28
C ASP A 161 16.30 7.05 -2.88
N ILE A 162 15.50 7.31 -1.85
CA ILE A 162 15.95 7.14 -0.47
C ILE A 162 16.36 5.70 -0.21
N SER A 163 15.53 4.74 -0.67
CA SER A 163 15.79 3.34 -0.34
C SER A 163 17.10 2.85 -0.96
N LYS A 164 17.39 3.25 -2.21
CA LYS A 164 18.63 2.82 -2.84
C LYS A 164 19.84 3.46 -2.18
N LYS A 165 19.67 4.64 -1.57
CA LYS A 165 20.72 5.35 -0.86
C LYS A 165 20.97 4.75 0.52
N GLU A 166 19.91 4.36 1.24
CA GLU A 166 20.03 4.14 2.67
C GLU A 166 19.76 2.72 3.12
N MET A 167 19.26 1.84 2.26
CA MET A 167 18.89 0.51 2.69
C MET A 167 19.54 -0.54 1.81
N PRO A 168 19.86 -1.70 2.36
CA PRO A 168 20.43 -2.77 1.56
C PRO A 168 19.40 -3.31 0.58
N PRO A 169 19.85 -3.98 -0.47
CA PRO A 169 18.93 -4.39 -1.53
C PRO A 169 17.98 -5.52 -1.12
N THR A 170 18.16 -6.15 0.04
CA THR A 170 17.22 -7.17 0.53
C THR A 170 16.23 -6.63 1.55
N ASN A 171 16.38 -5.37 1.94
CA ASN A 171 15.48 -4.80 2.95
C ASN A 171 14.03 -4.94 2.52
N PRO A 172 13.14 -5.42 3.39
CA PRO A 172 11.75 -5.72 2.94
C PRO A 172 10.95 -4.49 2.54
N ILE A 173 11.16 -3.35 3.20
CA ILE A 173 10.54 -2.12 2.73
C ILE A 173 11.05 -1.78 1.33
N ARG A 174 12.36 -1.87 1.13
CA ARG A 174 12.91 -1.60 -0.19
C ARG A 174 12.30 -2.53 -1.23
N LEU A 175 12.23 -3.83 -0.91
CA LEU A 175 11.69 -4.78 -1.88
C LEU A 175 10.20 -4.56 -2.08
N GLY A 176 9.44 -4.38 -0.99
CA GLY A 176 8.00 -4.23 -1.12
C GLY A 176 7.66 -3.00 -1.95
N LEU A 177 8.37 -1.89 -1.67
CA LEU A 177 8.25 -0.68 -2.49
C LEU A 177 8.53 -0.98 -3.96
N ALA A 178 9.65 -1.64 -4.26
CA ALA A 178 9.98 -1.90 -5.67
C ALA A 178 8.93 -2.80 -6.32
N LEU A 179 8.47 -3.82 -5.59
CA LEU A 179 7.36 -4.64 -6.09
C LEU A 179 6.14 -3.78 -6.42
N ASN A 180 5.72 -2.91 -5.49
CA ASN A 180 4.50 -2.15 -5.73
C ASN A 180 4.71 -1.09 -6.81
N PHE A 181 5.90 -0.49 -6.88
CA PHE A 181 6.18 0.47 -7.94
C PHE A 181 6.09 -0.20 -9.30
N SER A 182 6.57 -1.44 -9.43
CA SER A 182 6.48 -2.10 -10.72
C SER A 182 5.03 -2.43 -11.08
N VAL A 183 4.23 -2.83 -10.09
CA VAL A 183 2.80 -3.04 -10.33
C VAL A 183 2.15 -1.75 -10.81
N PHE A 184 2.53 -0.62 -10.21
CA PHE A 184 2.10 0.69 -10.72
C PHE A 184 2.44 0.84 -12.20
N HIS A 185 3.69 0.62 -12.56
CA HIS A 185 4.10 0.76 -13.96
C HIS A 185 3.27 -0.12 -14.87
N TYR A 186 3.04 -1.36 -14.45
CA TYR A 186 2.38 -2.32 -15.33
C TYR A 186 0.89 -2.05 -15.41
N GLU A 187 0.24 -1.88 -14.25
CA GLU A 187 -1.23 -1.87 -14.18
C GLU A 187 -1.82 -0.47 -14.29
N ILE A 188 -1.11 0.57 -13.91
CA ILE A 188 -1.66 1.93 -13.86
C ILE A 188 -1.06 2.82 -14.95
N ALA A 189 0.27 2.84 -15.06
CA ALA A 189 0.92 3.69 -16.04
C ALA A 189 1.02 3.06 -17.43
N ASN A 190 0.65 1.79 -17.57
CA ASN A 190 0.75 1.08 -18.83
C ASN A 190 2.17 1.16 -19.40
N SER A 191 3.15 0.80 -18.57
CA SER A 191 4.56 0.79 -18.95
C SER A 191 5.15 -0.57 -18.60
N PRO A 192 4.74 -1.61 -19.32
CA PRO A 192 5.18 -2.97 -18.96
C PRO A 192 6.70 -3.14 -19.02
N GLU A 193 7.37 -2.49 -19.97
CA GLU A 193 8.83 -2.58 -20.02
C GLU A 193 9.46 -1.94 -18.79
N GLU A 194 8.93 -0.79 -18.36
CA GLU A 194 9.39 -0.18 -17.12
C GLU A 194 9.16 -1.11 -15.94
N ALA A 195 7.96 -1.68 -15.85
CA ALA A 195 7.64 -2.61 -14.78
C ALA A 195 8.55 -3.82 -14.81
N ILE A 196 8.77 -4.38 -15.99
CA ILE A 196 9.59 -5.59 -16.09
C ILE A 196 11.04 -5.27 -15.77
N SER A 197 11.56 -4.14 -16.25
CA SER A 197 12.96 -3.87 -15.95
C SER A 197 13.15 -3.54 -14.47
N LEU A 198 12.18 -2.90 -13.82
CA LEU A 198 12.30 -2.65 -12.39
C LEU A 198 12.23 -3.94 -11.60
N ALA A 199 11.24 -4.79 -11.90
CA ALA A 199 11.13 -6.06 -11.19
C ALA A 199 12.40 -6.88 -11.34
N LYS A 200 12.96 -6.93 -12.56
CA LYS A 200 14.13 -7.78 -12.80
C LYS A 200 15.35 -7.27 -12.05
N THR A 201 15.67 -5.99 -12.20
CA THR A 201 16.85 -5.48 -11.50
C THR A 201 16.66 -5.54 -9.99
N THR A 202 15.42 -5.37 -9.49
CA THR A 202 15.19 -5.49 -8.06
C THR A 202 15.52 -6.89 -7.57
N PHE A 203 14.99 -7.91 -8.25
CA PHE A 203 15.26 -9.30 -7.87
C PHE A 203 16.75 -9.63 -8.04
N ASP A 204 17.34 -9.26 -9.18
CA ASP A 204 18.75 -9.58 -9.42
C ASP A 204 19.66 -8.93 -8.39
N GLU A 205 19.34 -7.70 -7.98
CA GLU A 205 20.21 -7.02 -7.03
C GLU A 205 20.05 -7.60 -5.63
N ALA A 206 18.86 -8.10 -5.30
CA ALA A 206 18.68 -8.77 -4.02
C ALA A 206 19.48 -10.08 -3.97
N MET A 207 19.44 -10.87 -5.05
CA MET A 207 20.25 -12.10 -5.10
C MET A 207 21.74 -11.78 -5.09
N ALA A 208 22.16 -10.76 -5.84
CA ALA A 208 23.58 -10.44 -5.84
C ALA A 208 24.04 -10.06 -4.44
N ASP A 209 23.19 -9.38 -3.67
CA ASP A 209 23.58 -9.06 -2.30
C ASP A 209 22.74 -9.85 -1.30
N LEU A 210 22.59 -11.15 -1.56
CA LEU A 210 21.75 -12.01 -0.72
C LEU A 210 22.23 -12.00 0.72
N HIS A 211 23.54 -11.81 0.93
CA HIS A 211 24.15 -11.85 2.24
C HIS A 211 23.64 -10.75 3.17
N THR A 212 22.90 -9.78 2.66
CA THR A 212 22.41 -8.70 3.50
C THR A 212 21.06 -9.01 4.15
N LEU A 213 20.52 -10.22 3.93
CA LEU A 213 19.27 -10.59 4.60
C LEU A 213 19.40 -10.40 6.10
N SER A 214 18.35 -9.90 6.73
CA SER A 214 18.38 -9.67 8.16
C SER A 214 17.72 -10.82 8.92
N GLU A 215 18.29 -11.16 10.07
CA GLU A 215 17.80 -12.27 10.89
C GLU A 215 16.34 -12.05 11.28
N ASP A 216 15.95 -10.81 11.54
CA ASP A 216 14.60 -10.55 12.01
C ASP A 216 13.62 -10.26 10.88
N SER A 217 14.05 -10.28 9.61
CA SER A 217 13.09 -10.06 8.54
C SER A 217 13.32 -10.89 7.27
N TYR A 218 14.18 -11.91 7.28
CA TYR A 218 14.55 -12.58 6.03
C TYR A 218 13.37 -13.31 5.38
N LYS A 219 12.40 -13.79 6.18
CA LYS A 219 11.25 -14.45 5.57
C LYS A 219 10.43 -13.46 4.75
N ASP A 220 10.31 -12.21 5.23
CA ASP A 220 9.61 -11.19 4.47
C ASP A 220 10.34 -10.89 3.18
N SER A 221 11.67 -10.73 3.26
CA SER A 221 12.46 -10.44 2.06
C SER A 221 12.28 -11.53 1.01
N THR A 222 12.43 -12.79 1.40
CA THR A 222 12.37 -13.85 0.40
C THR A 222 10.97 -14.04 -0.15
N LEU A 223 9.94 -13.71 0.65
CA LEU A 223 8.59 -13.70 0.11
C LEU A 223 8.46 -12.71 -1.04
N ILE A 224 8.93 -11.47 -0.85
CA ILE A 224 8.81 -10.46 -1.90
C ILE A 224 9.63 -10.84 -3.12
N MET A 225 10.84 -11.39 -2.91
CA MET A 225 11.64 -11.83 -4.06
C MET A 225 10.87 -12.82 -4.91
N GLN A 226 10.18 -13.77 -4.27
CA GLN A 226 9.35 -14.72 -5.02
C GLN A 226 8.18 -14.00 -5.72
N LEU A 227 7.56 -13.01 -5.08
CA LEU A 227 6.49 -12.28 -5.74
C LEU A 227 6.99 -11.51 -6.95
N LEU A 228 8.19 -10.92 -6.84
CA LEU A 228 8.81 -10.31 -8.02
C LEU A 228 8.97 -11.33 -9.13
N ARG A 229 9.39 -12.56 -8.80
CA ARG A 229 9.59 -13.58 -9.82
C ARG A 229 8.26 -14.03 -10.42
N ASP A 230 7.21 -14.12 -9.59
CA ASP A 230 5.89 -14.48 -10.10
C ASP A 230 5.36 -13.43 -11.07
N ASN A 231 5.54 -12.14 -10.74
CA ASN A 231 5.14 -11.09 -11.65
C ASN A 231 5.94 -11.15 -12.96
N LEU A 232 7.23 -11.48 -12.88
CA LEU A 232 8.01 -11.53 -14.11
C LEU A 232 7.58 -12.70 -14.99
N THR A 233 7.26 -13.84 -14.39
CA THR A 233 6.71 -14.96 -15.16
C THR A 233 5.37 -14.58 -15.78
N LEU A 234 4.50 -13.94 -15.01
CA LEU A 234 3.22 -13.48 -15.54
C LEU A 234 3.44 -12.53 -16.71
N TRP A 235 4.42 -11.63 -16.60
CA TRP A 235 4.63 -10.59 -17.58
C TRP A 235 5.50 -11.02 -18.75
N THR A 236 6.08 -12.20 -18.72
CA THR A 236 6.83 -12.73 -19.86
C THR A 236 6.28 -14.11 -20.27
N GLN B 1 -5.87 -12.48 -14.84
CA GLN B 1 -5.06 -12.55 -13.62
C GLN B 1 -4.21 -11.29 -13.46
N ARG B 2 -4.36 -10.63 -12.31
CA ARG B 2 -3.69 -9.37 -12.08
C ARG B 2 -2.32 -9.57 -11.43
N SER B 3 -1.54 -8.49 -11.41
CA SER B 3 -0.22 -8.57 -10.81
C SER B 3 -0.33 -8.66 -9.30
N THR B 4 0.67 -9.25 -8.68
CA THR B 4 0.66 -9.36 -7.22
C THR B 4 1.43 -8.22 -6.59
N THR B 6 2.52 -6.18 -2.71
CA THR B 6 2.95 -6.59 -1.38
C THR B 6 1.76 -7.06 -0.57
N PRO B 7 1.88 -8.23 0.12
CA PRO B 7 0.78 -8.73 0.94
C PRO B 7 0.83 -8.26 2.38
N ASN B 8 -0.17 -8.64 3.18
CA ASN B 8 -0.15 -8.39 4.63
C ASN B 8 0.52 -9.52 5.39
N VAL B 9 1.46 -9.20 6.27
CA VAL B 9 2.08 -10.20 7.14
C VAL B 9 2.18 -9.65 8.55
N HIS B 10 2.28 -10.58 9.50
CA HIS B 10 2.48 -10.27 10.93
C HIS B 10 1.44 -9.34 11.54
#